data_8V6S
#
_entry.id   8V6S
#
_cell.length_a   41.856
_cell.length_b   87.705
_cell.length_c   65.262
_cell.angle_alpha   90.000
_cell.angle_beta   97.130
_cell.angle_gamma   90.000
#
_symmetry.space_group_name_H-M   'P 1 21 1'
#
loop_
_entity.id
_entity.type
_entity.pdbx_description
1 polymer 'Thoeris protein ThsA Macro domain-containing protein'
2 non-polymer '[[(2~{R},3~{S},4~{R},5~{R})-5-(6-aminopurin-9-yl)-3,4-bis(oxidanyl)oxolan-2-yl]methoxy-oxidanyl-phosphoryl] [(2~{R},3~{S},4~{R},5~{R})-5-imidazol-1-yl-3,4-bis(oxidanyl)oxolan-2-yl]methyl hydrogen phosphate'
3 water water
#
_entity_poly.entity_id   1
_entity_poly.type   'polypeptide(L)'
_entity_poly.pdbx_seq_one_letter_code
;MHHHHHHSSGVDLGTENLYFQSNANQLKSIDLNIEGSKVTVKAGDIFLEPGLKAIAFNEYFDTIVNDRIISAHSLNGTFI
NLHLPSTITQLDNHITNYPFDSDELSSFNKSRQEGKRQRFKIGTLCIYDDFILTAFSKFDAQNKAVLTMPEYLEFLINFW
DKINKVYAQQSVSTPIFGSGITRIKEHKNITDEDLLKIMLWTFRISEMRFKYPAKLTIVIHKDKINTINLLDIKTAKNGL
;
_entity_poly.pdbx_strand_id   A,B
#
loop_
_chem_comp.id
_chem_comp.type
_chem_comp.name
_chem_comp.formula
YG8 non-polymer '[[(2~{R},3~{S},4~{R},5~{R})-5-(6-aminopurin-9-yl)-3,4-bis(oxidanyl)oxolan-2-yl]methoxy-oxidanyl-phosphoryl] [(2~{R},3~{S},4~{R},5~{R})-5-imidazol-1-yl-3,4-bis(oxidanyl)oxolan-2-yl]methyl hydrogen phosphate' 'C18 H25 N7 O13 P2'
#
# COMPACT_ATOMS: atom_id res chain seq x y z
N LEU A 27 -23.40 7.17 17.70
CA LEU A 27 -22.11 6.93 18.35
C LEU A 27 -21.08 7.95 17.89
N LYS A 28 -20.47 8.67 18.84
CA LYS A 28 -19.48 9.70 18.52
C LYS A 28 -18.05 9.27 18.82
N SER A 29 -17.84 8.11 19.45
CA SER A 29 -16.51 7.69 19.84
C SER A 29 -16.49 6.18 20.09
N ILE A 30 -15.41 5.52 19.67
CA ILE A 30 -15.21 4.09 19.90
C ILE A 30 -13.74 3.85 20.25
N ASP A 31 -13.50 2.91 21.14
CA ASP A 31 -12.16 2.39 21.41
C ASP A 31 -12.06 0.99 20.81
N LEU A 32 -11.02 0.76 20.02
CA LEU A 32 -10.79 -0.52 19.35
C LEU A 32 -9.55 -1.18 19.91
N ASN A 33 -9.63 -2.49 20.15
CA ASN A 33 -8.46 -3.27 20.54
C ASN A 33 -7.88 -3.85 19.26
N ILE A 34 -6.77 -3.30 18.81
CA ILE A 34 -6.11 -3.75 17.58
C ILE A 34 -4.84 -4.43 18.03
N GLU A 35 -4.88 -5.76 18.04
CA GLU A 35 -3.71 -6.56 18.38
C GLU A 35 -3.09 -6.12 19.71
N GLY A 36 -3.95 -5.85 20.70
CA GLY A 36 -3.50 -5.59 22.06
C GLY A 36 -3.34 -4.13 22.43
N SER A 37 -3.53 -3.21 21.50
CA SER A 37 -3.26 -1.80 21.69
C SER A 37 -4.54 -1.01 21.43
N LYS A 38 -4.83 -0.04 22.29
CA LYS A 38 -6.05 0.74 22.13
C LYS A 38 -5.86 1.76 21.00
N VAL A 39 -6.82 1.81 20.07
CA VAL A 39 -6.92 2.87 19.07
C VAL A 39 -8.30 3.52 19.24
N THR A 40 -8.32 4.84 19.35
CA THR A 40 -9.57 5.56 19.51
C THR A 40 -9.94 6.24 18.20
N VAL A 41 -11.23 6.21 17.87
CA VAL A 41 -11.81 6.96 16.74
C VAL A 41 -12.94 7.80 17.32
N LYS A 42 -12.85 9.11 17.14
CA LYS A 42 -13.85 9.97 17.78
C LYS A 42 -14.16 11.16 16.89
N ALA A 43 -15.34 11.74 17.11
CA ALA A 43 -15.69 13.02 16.51
C ALA A 43 -15.07 14.13 17.34
N GLY A 44 -14.53 15.14 16.67
CA GLY A 44 -13.96 16.24 17.40
C GLY A 44 -13.28 17.22 16.47
N ASP A 45 -12.36 17.97 17.06
CA ASP A 45 -11.60 19.02 16.41
C ASP A 45 -10.15 18.73 16.70
N ILE A 46 -9.37 18.40 15.67
CA ILE A 46 -7.97 18.03 15.90
C ILE A 46 -7.23 19.09 16.71
N PHE A 47 -7.54 20.38 16.48
CA PHE A 47 -6.80 21.46 17.12
C PHE A 47 -7.05 21.55 18.61
N LEU A 48 -8.10 20.93 19.12
CA LEU A 48 -8.33 20.86 20.56
C LEU A 48 -7.66 19.66 21.22
N GLU A 49 -7.09 18.73 20.44
CA GLU A 49 -6.45 17.60 21.06
C GLU A 49 -5.28 18.10 21.88
N PRO A 50 -5.19 17.71 23.14
CA PRO A 50 -3.90 17.83 23.82
C PRO A 50 -2.97 16.80 23.22
N GLY A 51 -1.73 17.14 23.16
CA GLY A 51 -0.75 16.22 22.69
C GLY A 51 -0.51 16.38 21.22
N LEU A 52 0.23 15.42 20.67
CA LEU A 52 0.72 15.53 19.31
C LEU A 52 -0.44 15.42 18.32
N LYS A 53 -0.44 16.34 17.36
CA LYS A 53 -1.47 16.49 16.33
C LYS A 53 -0.81 16.43 14.97
N ALA A 54 -1.21 15.46 14.11
CA ALA A 54 -0.66 15.38 12.77
C ALA A 54 -1.43 16.26 11.80
N ILE A 55 -0.70 16.99 10.94
CA ILE A 55 -1.31 17.85 9.90
C ILE A 55 -0.67 17.50 8.57
N ALA A 56 -1.49 17.23 7.55
CA ALA A 56 -0.98 16.90 6.23
C ALA A 56 -0.53 18.16 5.49
N PHE A 57 0.76 18.28 5.29
CA PHE A 57 1.38 19.22 4.37
C PHE A 57 1.62 18.51 3.03
N ASN A 58 2.32 19.16 2.10
CA ASN A 58 2.57 18.51 0.81
C ASN A 58 4.04 18.15 0.68
N GLU A 59 4.41 17.63 -0.50
CA GLU A 59 5.77 17.13 -0.69
C GLU A 59 6.85 18.21 -0.56
N TYR A 60 6.47 19.50 -0.66
CA TYR A 60 7.43 20.59 -0.45
C TYR A 60 7.36 21.22 0.93
N PHE A 61 6.50 20.75 1.81
CA PHE A 61 6.14 21.48 3.03
C PHE A 61 5.81 22.96 2.71
N ASP A 62 5.01 23.17 1.67
CA ASP A 62 4.61 24.52 1.33
C ASP A 62 3.84 25.19 2.46
N THR A 63 3.99 26.53 2.55
CA THR A 63 3.35 27.34 3.57
C THR A 63 2.57 28.52 2.98
N ILE A 64 2.64 28.76 1.69
CA ILE A 64 1.91 29.88 1.09
C ILE A 64 0.46 29.46 0.93
N VAL A 65 -0.45 30.21 1.57
CA VAL A 65 -1.89 29.98 1.48
C VAL A 65 -2.49 31.05 0.56
N ASN A 66 -2.93 30.62 -0.61
CA ASN A 66 -3.63 31.48 -1.54
C ASN A 66 -4.42 30.59 -2.50
N ASP A 67 -4.82 31.13 -3.65
CA ASP A 67 -5.60 30.34 -4.57
C ASP A 67 -4.77 29.45 -5.47
N ARG A 68 -3.43 29.55 -5.40
CA ARG A 68 -2.53 28.79 -6.27
C ARG A 68 -1.78 27.67 -5.57
N ILE A 69 -1.37 27.87 -4.31
CA ILE A 69 -0.55 26.89 -3.59
C ILE A 69 -1.47 26.24 -2.56
N ILE A 70 -1.34 26.54 -1.26
CA ILE A 70 -2.11 25.82 -0.25
C ILE A 70 -3.49 26.47 -0.10
N SER A 71 -4.51 25.64 -0.09
CA SER A 71 -5.87 26.09 0.08
C SER A 71 -6.20 26.33 1.55
N ALA A 72 -6.82 27.47 1.83
CA ALA A 72 -7.33 27.65 3.17
C ALA A 72 -8.42 26.67 3.59
N HIS A 73 -9.03 25.95 2.65
CA HIS A 73 -10.04 24.95 3.01
C HIS A 73 -9.41 23.67 3.60
N SER A 74 -8.13 23.48 3.40
CA SER A 74 -7.43 22.30 3.91
C SER A 74 -6.97 22.52 5.34
N LEU A 75 -6.72 21.43 6.06
CA LEU A 75 -6.11 21.56 7.39
C LEU A 75 -4.74 22.24 7.34
N ASN A 76 -3.93 21.93 6.30
CA ASN A 76 -2.65 22.61 6.10
C ASN A 76 -2.86 24.12 6.13
N GLY A 77 -3.92 24.57 5.45
CA GLY A 77 -4.23 25.99 5.40
C GLY A 77 -4.82 26.54 6.69
N THR A 78 -5.75 25.79 7.31
CA THR A 78 -6.34 26.23 8.58
C THR A 78 -5.28 26.27 9.67
N PHE A 79 -4.33 25.35 9.63
CA PHE A 79 -3.22 25.39 10.57
C PHE A 79 -2.45 26.70 10.43
N ILE A 80 -2.00 27.00 9.22
CA ILE A 80 -1.18 28.17 8.97
C ILE A 80 -1.97 29.43 9.30
N ASN A 81 -3.24 29.47 8.88
CA ASN A 81 -4.01 30.71 9.07
C ASN A 81 -4.37 30.96 10.54
N LEU A 82 -4.64 29.91 11.30
CA LEU A 82 -5.34 30.08 12.58
C LEU A 82 -4.71 29.41 13.80
N HIS A 83 -3.70 28.56 13.62
CA HIS A 83 -3.27 27.73 14.74
C HIS A 83 -1.74 27.61 14.86
N LEU A 84 -0.95 28.49 14.26
CA LEU A 84 0.49 28.32 14.35
C LEU A 84 0.99 28.61 15.77
N PRO A 85 2.08 27.96 16.16
CA PRO A 85 2.79 28.36 17.38
C PRO A 85 3.13 29.84 17.46
N SER A 86 3.65 30.41 16.38
CA SER A 86 3.84 31.86 16.30
C SER A 86 3.46 32.38 14.91
N THR A 87 4.44 32.81 14.11
CA THR A 87 4.20 33.42 12.80
C THR A 87 4.53 32.48 11.65
N ILE A 88 4.06 32.85 10.46
CA ILE A 88 4.43 32.13 9.24
C ILE A 88 5.94 32.19 9.01
N THR A 89 6.56 33.34 9.30
CA THR A 89 8.01 33.48 9.16
C THR A 89 8.76 32.46 10.02
N GLN A 90 8.33 32.28 11.26
CA GLN A 90 8.96 31.32 12.13
C GLN A 90 8.69 29.89 11.68
N LEU A 91 7.50 29.61 11.14
CA LEU A 91 7.27 28.28 10.57
C LEU A 91 8.21 28.03 9.40
N ASP A 92 8.32 29.00 8.47
CA ASP A 92 9.25 28.83 7.35
C ASP A 92 10.68 28.62 7.84
N ASN A 93 11.14 29.43 8.80
CA ASN A 93 12.49 29.22 9.32
C ASN A 93 12.66 27.86 9.96
N HIS A 94 11.65 27.43 10.70
CA HIS A 94 11.68 26.11 11.32
C HIS A 94 11.89 25.01 10.29
N ILE A 95 11.16 25.09 9.17
CA ILE A 95 11.30 24.07 8.13
C ILE A 95 12.65 24.19 7.45
N THR A 96 13.06 25.42 7.13
CA THR A 96 14.34 25.66 6.49
C THR A 96 15.50 25.07 7.29
N ASN A 97 15.46 25.24 8.62
CA ASN A 97 16.55 24.84 9.49
C ASN A 97 16.34 23.47 10.13
N TYR A 98 15.34 22.72 9.69
CA TYR A 98 15.03 21.45 10.32
C TYR A 98 16.06 20.39 9.99
N PRO A 99 16.43 19.55 10.95
CA PRO A 99 17.42 18.46 10.73
C PRO A 99 16.82 17.23 10.06
N PHE A 100 16.41 17.38 8.81
CA PHE A 100 16.00 16.26 8.00
C PHE A 100 17.20 15.33 7.77
N ASP A 101 16.92 14.04 7.66
CA ASP A 101 17.95 13.08 7.28
C ASP A 101 18.10 13.05 5.76
N SER A 102 19.29 12.67 5.30
CA SER A 102 19.56 12.61 3.86
C SER A 102 18.56 11.74 3.12
N ASP A 103 18.14 10.62 3.72
CA ASP A 103 17.23 9.72 3.01
C ASP A 103 15.80 10.25 2.92
N GLU A 104 15.52 11.42 3.49
CA GLU A 104 14.19 11.99 3.37
C GLU A 104 14.06 12.93 2.19
N LEU A 105 15.19 13.35 1.61
CA LEU A 105 15.17 14.25 0.47
C LEU A 105 14.82 13.50 -0.79
N SER A 106 13.95 14.10 -1.59
CA SER A 106 13.70 13.67 -2.94
C SER A 106 14.37 14.71 -3.86
N SER A 107 13.80 14.95 -5.03
CA SER A 107 14.43 15.84 -5.99
C SER A 107 14.22 17.30 -5.61
N PHE A 108 14.98 18.18 -6.27
CA PHE A 108 14.88 19.63 -6.14
C PHE A 108 14.26 20.16 -7.42
N ASN A 109 13.20 20.96 -7.30
CA ASN A 109 12.47 21.47 -8.45
C ASN A 109 13.00 22.88 -8.75
N LYS A 110 14.13 22.92 -9.46
CA LYS A 110 14.85 24.18 -9.67
C LYS A 110 13.96 25.23 -10.32
N SER A 111 13.06 24.81 -11.20
CA SER A 111 12.29 25.71 -12.04
C SER A 111 10.93 26.12 -11.46
N ARG A 112 10.59 25.69 -10.25
CA ARG A 112 9.27 25.99 -9.73
C ARG A 112 9.12 27.50 -9.48
N GLN A 113 8.05 28.09 -10.01
CA GLN A 113 7.91 29.54 -10.04
C GLN A 113 7.32 30.13 -8.76
N GLU A 114 6.62 29.32 -7.96
CA GLU A 114 6.03 29.80 -6.71
C GLU A 114 5.97 28.62 -5.75
N GLY A 115 6.36 28.86 -4.51
CA GLY A 115 6.45 27.82 -3.51
C GLY A 115 7.88 27.33 -3.33
N LYS A 116 8.03 26.43 -2.37
CA LYS A 116 9.34 25.88 -2.04
C LYS A 116 9.76 24.87 -3.11
N ARG A 117 11.05 24.57 -3.15
CA ARG A 117 11.60 23.81 -4.27
C ARG A 117 12.12 22.44 -3.88
N GLN A 118 12.46 22.23 -2.61
CA GLN A 118 12.95 20.93 -2.19
C GLN A 118 11.77 19.97 -1.99
N ARG A 119 11.73 18.89 -2.76
CA ARG A 119 10.79 17.81 -2.51
C ARG A 119 11.29 16.88 -1.41
N PHE A 120 10.35 16.35 -0.64
CA PHE A 120 10.61 15.36 0.39
C PHE A 120 9.85 14.06 0.10
N LYS A 121 10.41 12.95 0.57
CA LYS A 121 9.77 11.66 0.38
C LYS A 121 8.46 11.56 1.16
N ILE A 122 7.48 10.93 0.53
CA ILE A 122 6.14 10.80 1.11
C ILE A 122 6.23 10.14 2.49
N GLY A 123 5.58 10.76 3.46
CA GLY A 123 5.58 10.31 4.83
C GLY A 123 6.58 11.01 5.73
N THR A 124 7.50 11.79 5.16
CA THR A 124 8.49 12.50 5.96
C THR A 124 7.80 13.35 7.02
N LEU A 125 8.34 13.33 8.23
CA LEU A 125 7.82 14.14 9.32
C LEU A 125 8.68 15.37 9.56
N CYS A 126 8.03 16.43 10.02
CA CYS A 126 8.70 17.62 10.52
C CYS A 126 7.97 17.98 11.79
N ILE A 127 8.64 17.83 12.93
CA ILE A 127 8.01 18.06 14.22
C ILE A 127 8.15 19.54 14.57
N TYR A 128 7.07 20.16 15.03
CA TYR A 128 7.04 21.59 15.36
C TYR A 128 6.13 21.72 16.59
N ASP A 129 6.74 21.79 17.77
CA ASP A 129 6.02 21.93 19.04
C ASP A 129 5.09 20.73 19.18
N ASP A 130 3.78 20.91 19.30
CA ASP A 130 2.85 19.80 19.47
C ASP A 130 2.24 19.33 18.14
N PHE A 131 2.85 19.70 17.01
CA PHE A 131 2.36 19.33 15.69
C PHE A 131 3.36 18.45 14.96
N ILE A 132 2.85 17.35 14.41
CA ILE A 132 3.59 16.50 13.48
C ILE A 132 3.17 16.91 12.07
N LEU A 133 4.01 17.68 11.40
CA LEU A 133 3.78 18.04 10.03
C LEU A 133 4.29 16.90 9.16
N THR A 134 3.53 16.50 8.17
CA THR A 134 4.02 15.37 7.35
C THR A 134 3.79 15.65 5.87
N ALA A 135 4.73 15.18 5.06
CA ALA A 135 4.64 15.32 3.60
C ALA A 135 3.65 14.28 3.10
N PHE A 136 2.44 14.71 2.79
CA PHE A 136 1.38 13.78 2.46
C PHE A 136 1.12 13.74 0.97
N SER A 137 0.58 14.79 0.38
CA SER A 137 0.19 14.72 -1.02
C SER A 137 1.32 15.26 -1.91
N LYS A 138 1.27 14.85 -3.17
CA LYS A 138 2.13 15.44 -4.18
C LYS A 138 1.41 16.63 -4.78
N PHE A 139 2.19 17.56 -5.32
CA PHE A 139 1.65 18.80 -5.81
C PHE A 139 1.60 18.79 -7.31
N ASP A 140 0.45 19.16 -7.85
CA ASP A 140 0.22 19.39 -9.26
C ASP A 140 -0.31 20.81 -9.42
N ALA A 141 0.28 21.57 -10.33
CA ALA A 141 -0.18 22.92 -10.61
C ALA A 141 -1.70 23.00 -10.66
N GLN A 142 -2.34 22.10 -11.41
CA GLN A 142 -3.78 22.14 -11.63
C GLN A 142 -4.58 21.43 -10.55
N ASN A 143 -4.23 20.17 -10.25
CA ASN A 143 -4.97 19.40 -9.26
C ASN A 143 -4.55 19.71 -7.83
N LYS A 144 -3.41 20.38 -7.65
CA LYS A 144 -2.96 20.87 -6.35
C LYS A 144 -2.50 19.78 -5.40
N ALA A 145 -3.36 18.78 -5.20
CA ALA A 145 -3.03 17.70 -4.25
C ALA A 145 -3.43 16.38 -4.88
N VAL A 146 -2.41 15.54 -5.16
CA VAL A 146 -2.62 14.29 -5.87
C VAL A 146 -1.78 13.18 -5.24
N LEU A 147 -2.33 11.97 -5.29
CA LEU A 147 -1.65 10.73 -4.96
C LEU A 147 -2.27 9.64 -5.83
N THR A 148 -1.48 8.65 -6.26
CA THR A 148 -2.08 7.40 -6.66
C THR A 148 -2.48 6.57 -5.42
N MET A 149 -3.27 5.51 -5.64
CA MET A 149 -3.62 4.66 -4.50
C MET A 149 -2.39 3.95 -3.95
N PRO A 150 -1.44 3.44 -4.76
CA PRO A 150 -0.20 2.90 -4.17
C PRO A 150 0.55 3.91 -3.31
N GLU A 151 0.65 5.18 -3.76
CA GLU A 151 1.31 6.22 -3.00
C GLU A 151 0.57 6.54 -1.70
N TYR A 152 -0.75 6.45 -1.70
CA TYR A 152 -1.54 6.66 -0.48
C TYR A 152 -1.22 5.58 0.55
N LEU A 153 -1.15 4.32 0.09
CA LEU A 153 -0.82 3.23 0.99
C LEU A 153 0.61 3.33 1.45
N GLU A 154 1.53 3.75 0.55
CA GLU A 154 2.93 3.92 0.95
C GLU A 154 3.05 5.03 2.00
N PHE A 155 2.31 6.11 1.82
CA PHE A 155 2.32 7.16 2.82
C PHE A 155 1.95 6.59 4.17
N LEU A 156 0.87 5.81 4.20
CA LEU A 156 0.32 5.39 5.47
C LEU A 156 1.30 4.47 6.16
N ILE A 157 1.84 3.48 5.41
CA ILE A 157 2.78 2.58 6.06
C ILE A 157 4.00 3.36 6.55
N ASN A 158 4.54 4.25 5.73
CA ASN A 158 5.73 5.00 6.12
C ASN A 158 5.43 5.89 7.33
N PHE A 159 4.26 6.54 7.33
CA PHE A 159 3.88 7.40 8.45
C PHE A 159 3.70 6.61 9.74
N TRP A 160 2.95 5.50 9.69
CA TRP A 160 2.72 4.72 10.90
C TRP A 160 4.01 4.12 11.42
N ASP A 161 4.88 3.66 10.50
CA ASP A 161 6.18 3.12 10.94
C ASP A 161 7.00 4.19 11.66
N LYS A 162 7.01 5.43 11.15
CA LYS A 162 7.76 6.51 11.80
C LYS A 162 7.18 6.85 13.17
N ILE A 163 5.85 7.00 13.24
CA ILE A 163 5.16 7.34 14.47
C ILE A 163 5.31 6.23 15.52
N ASN A 164 5.31 4.97 15.09
CA ASN A 164 5.42 3.88 16.03
C ASN A 164 6.83 3.72 16.54
N LYS A 165 7.82 4.14 15.75
CA LYS A 165 9.21 4.12 16.23
C LYS A 165 9.50 5.29 17.17
N VAL A 166 9.17 6.51 16.76
CA VAL A 166 9.57 7.71 17.47
C VAL A 166 8.64 8.04 18.65
N TYR A 167 7.35 7.74 18.51
CA TYR A 167 6.32 8.13 19.48
C TYR A 167 5.67 6.90 20.11
N ALA A 168 6.44 5.81 20.23
CA ALA A 168 6.00 4.66 21.01
C ALA A 168 5.46 5.10 22.36
N GLN A 169 4.30 4.57 22.73
CA GLN A 169 3.64 4.77 24.01
C GLN A 169 3.18 6.20 24.23
N GLN A 170 3.18 7.03 23.19
CA GLN A 170 2.73 8.41 23.26
C GLN A 170 1.48 8.61 22.42
N SER A 171 0.64 9.55 22.86
CA SER A 171 -0.59 9.85 22.15
C SER A 171 -0.28 10.63 20.88
N VAL A 172 -0.89 10.19 19.77
CA VAL A 172 -0.79 10.89 18.50
C VAL A 172 -2.19 10.92 17.93
N SER A 173 -2.69 12.11 17.65
CA SER A 173 -3.98 12.31 17.01
C SER A 173 -3.83 12.71 15.56
N THR A 174 -4.62 12.09 14.69
CA THR A 174 -4.59 12.38 13.27
C THR A 174 -6.00 12.58 12.75
N PRO A 175 -6.14 13.37 11.72
CA PRO A 175 -7.39 13.38 10.97
C PRO A 175 -7.49 12.21 10.01
N ILE A 176 -8.53 12.16 9.18
CA ILE A 176 -8.62 11.11 8.14
C ILE A 176 -7.85 11.59 6.91
N PHE A 177 -6.66 11.02 6.72
CA PHE A 177 -5.79 11.42 5.62
C PHE A 177 -6.43 11.12 4.28
N GLY A 178 -6.43 12.10 3.40
CA GLY A 178 -6.89 11.92 2.03
C GLY A 178 -8.35 12.24 1.78
N SER A 179 -9.09 12.63 2.82
CA SER A 179 -10.52 12.81 2.74
C SER A 179 -10.90 14.25 2.51
N GLY A 180 -9.90 15.12 2.28
CA GLY A 180 -10.14 16.52 1.94
C GLY A 180 -10.01 16.68 0.44
N ILE A 181 -9.24 17.69 0.02
CA ILE A 181 -9.17 18.03 -1.39
C ILE A 181 -8.25 17.09 -2.17
N THR A 182 -7.48 16.23 -1.50
CA THR A 182 -6.61 15.31 -2.22
C THR A 182 -7.40 14.48 -3.23
N ARG A 183 -6.86 14.37 -4.44
CA ARG A 183 -7.40 13.45 -5.45
C ARG A 183 -6.51 12.21 -5.50
N ILE A 184 -7.07 11.08 -5.10
CA ILE A 184 -6.41 9.80 -5.22
C ILE A 184 -6.79 9.24 -6.58
N LYS A 185 -5.78 9.11 -7.44
CA LYS A 185 -6.04 8.76 -8.84
C LYS A 185 -6.87 7.50 -8.94
N GLU A 186 -7.89 7.57 -9.77
CA GLU A 186 -8.90 6.54 -10.05
C GLU A 186 -9.86 6.28 -8.89
N HIS A 187 -9.79 7.07 -7.81
CA HIS A 187 -10.62 6.88 -6.64
C HIS A 187 -11.18 8.20 -6.18
N LYS A 188 -11.66 8.99 -7.15
CA LYS A 188 -11.98 10.38 -6.81
C LYS A 188 -13.07 10.48 -5.77
N ASN A 189 -13.97 9.50 -5.70
CA ASN A 189 -15.11 9.57 -4.80
C ASN A 189 -15.03 8.54 -3.68
N ILE A 190 -13.84 7.99 -3.41
CA ILE A 190 -13.70 7.11 -2.26
C ILE A 190 -14.27 7.80 -1.02
N THR A 191 -14.96 7.03 -0.18
CA THR A 191 -15.68 7.61 0.95
C THR A 191 -14.74 7.83 2.14
N ASP A 192 -15.12 8.76 3.00
CA ASP A 192 -14.34 8.94 4.22
C ASP A 192 -14.30 7.66 5.05
N GLU A 193 -15.39 6.91 5.08
CA GLU A 193 -15.39 5.65 5.83
C GLU A 193 -14.37 4.68 5.26
N ASP A 194 -14.30 4.56 3.92
CA ASP A 194 -13.33 3.63 3.34
C ASP A 194 -11.89 4.09 3.60
N LEU A 195 -11.63 5.41 3.58
CA LEU A 195 -10.29 5.86 3.94
C LEU A 195 -9.99 5.57 5.40
N LEU A 196 -10.97 5.72 6.29
CA LEU A 196 -10.77 5.39 7.70
C LEU A 196 -10.41 3.92 7.87
N LYS A 197 -11.10 3.03 7.15
CA LYS A 197 -10.77 1.61 7.24
C LYS A 197 -9.36 1.32 6.73
N ILE A 198 -8.95 1.99 5.65
CA ILE A 198 -7.59 1.81 5.13
C ILE A 198 -6.57 2.28 6.17
N MET A 199 -6.84 3.41 6.83
CA MET A 199 -5.97 3.89 7.90
C MET A 199 -5.82 2.83 9.00
N LEU A 200 -6.93 2.20 9.39
CA LEU A 200 -6.90 1.20 10.45
C LEU A 200 -6.17 -0.05 10.01
N TRP A 201 -6.47 -0.54 8.80
CA TRP A 201 -5.78 -1.75 8.29
C TRP A 201 -4.27 -1.53 8.23
N THR A 202 -3.84 -0.37 7.71
CA THR A 202 -2.43 -0.11 7.57
C THR A 202 -1.81 0.12 8.94
N PHE A 203 -2.51 0.78 9.87
CA PHE A 203 -1.93 0.95 11.19
C PHE A 203 -1.69 -0.43 11.83
N ARG A 204 -2.65 -1.34 11.70
CA ARG A 204 -2.50 -2.68 12.26
C ARG A 204 -1.27 -3.39 11.68
N ILE A 205 -1.07 -3.32 10.36
CA ILE A 205 0.11 -3.90 9.72
C ILE A 205 1.38 -3.31 10.31
N SER A 206 1.41 -1.99 10.50
CA SER A 206 2.61 -1.37 11.02
C SER A 206 2.83 -1.79 12.46
N GLU A 207 1.80 -1.71 13.29
CA GLU A 207 1.99 -1.83 14.71
C GLU A 207 2.27 -3.25 15.11
N MET A 208 1.91 -4.21 14.24
CA MET A 208 2.13 -5.62 14.57
C MET A 208 3.60 -5.96 14.75
N ARG A 209 4.52 -5.12 14.24
CA ARG A 209 5.95 -5.39 14.39
C ARG A 209 6.61 -4.60 15.52
N PHE A 210 5.86 -3.79 16.26
CA PHE A 210 6.39 -2.99 17.36
C PHE A 210 5.85 -3.51 18.67
N LYS A 211 6.71 -3.63 19.70
CA LYS A 211 6.12 -4.12 20.94
C LYS A 211 5.20 -3.09 21.58
N TYR A 212 5.58 -1.81 21.49
CA TYR A 212 4.85 -0.69 22.11
C TYR A 212 4.54 0.37 21.08
N PRO A 213 3.43 0.26 20.37
CA PRO A 213 3.09 1.25 19.33
C PRO A 213 2.73 2.61 19.92
N ALA A 214 2.62 3.58 19.02
CA ALA A 214 2.02 4.87 19.39
C ALA A 214 0.59 4.62 19.86
N LYS A 215 0.05 5.55 20.64
CA LYS A 215 -1.34 5.52 21.09
C LYS A 215 -2.13 6.42 20.13
N LEU A 216 -2.73 5.81 19.14
CA LEU A 216 -3.37 6.50 18.04
C LEU A 216 -4.81 6.88 18.37
N THR A 217 -5.16 8.15 18.10
CA THR A 217 -6.55 8.59 18.01
C THR A 217 -6.77 9.20 16.64
N ILE A 218 -7.84 8.79 15.97
CA ILE A 218 -8.25 9.35 14.69
C ILE A 218 -9.45 10.23 14.98
N VAL A 219 -9.38 11.48 14.55
CA VAL A 219 -10.38 12.50 14.85
C VAL A 219 -11.15 12.75 13.57
N ILE A 220 -12.46 12.50 13.64
CA ILE A 220 -13.40 12.79 12.57
C ILE A 220 -14.00 14.16 12.82
N HIS A 221 -14.00 15.00 11.80
CA HIS A 221 -14.53 16.34 12.04
C HIS A 221 -16.01 16.23 12.45
N LYS A 222 -16.39 16.99 13.48
CA LYS A 222 -17.75 16.89 14.02
C LYS A 222 -18.79 17.01 12.92
N ASP A 223 -18.48 17.74 11.85
CA ASP A 223 -19.41 17.97 10.75
C ASP A 223 -19.59 16.78 9.84
N LYS A 224 -18.72 15.76 9.94
CA LYS A 224 -18.78 14.61 9.05
C LYS A 224 -19.07 13.31 9.80
N ILE A 225 -19.40 13.38 11.10
CA ILE A 225 -19.51 12.15 11.90
C ILE A 225 -20.69 11.29 11.43
N ASN A 226 -21.74 11.92 10.89
CA ASN A 226 -22.93 11.19 10.46
C ASN A 226 -22.72 10.42 9.16
N THR A 227 -21.63 10.68 8.43
CA THR A 227 -21.29 9.94 7.22
C THR A 227 -20.45 8.70 7.52
N ILE A 228 -20.14 8.44 8.78
CA ILE A 228 -19.29 7.32 9.20
C ILE A 228 -20.02 6.54 10.27
N ASN A 229 -20.17 5.24 10.05
CA ASN A 229 -20.80 4.35 11.02
C ASN A 229 -19.69 3.71 11.83
N LEU A 230 -19.55 4.12 13.09
CA LEU A 230 -18.43 3.63 13.88
C LEU A 230 -18.55 2.14 14.23
N LEU A 231 -19.74 1.55 14.09
CA LEU A 231 -19.88 0.11 14.29
C LEU A 231 -19.27 -0.67 13.12
N ASP A 232 -19.52 -0.26 11.88
CA ASP A 232 -18.82 -0.84 10.74
C ASP A 232 -17.32 -0.79 10.96
N ILE A 233 -16.83 0.35 11.45
CA ILE A 233 -15.41 0.60 11.59
C ILE A 233 -14.76 -0.39 12.54
N LYS A 234 -15.50 -0.83 13.58
CA LYS A 234 -14.92 -1.73 14.57
C LYS A 234 -14.38 -3.01 13.95
N THR A 235 -15.02 -3.49 12.87
CA THR A 235 -14.65 -4.77 12.28
C THR A 235 -13.23 -4.76 11.72
N ALA A 236 -12.71 -3.59 11.36
CA ALA A 236 -11.39 -3.50 10.76
C ALA A 236 -10.26 -3.77 11.73
N LYS A 237 -10.54 -3.87 13.03
CA LYS A 237 -9.51 -4.20 14.00
C LYS A 237 -8.92 -5.59 13.76
N ASN A 238 -9.60 -6.43 13.00
CA ASN A 238 -9.14 -7.79 12.70
C ASN A 238 -8.33 -7.86 11.42
N GLY A 239 -8.20 -6.76 10.72
CA GLY A 239 -7.36 -6.72 9.54
C GLY A 239 -8.08 -6.91 8.24
N LEU B 27 -10.51 -28.95 4.65
CA LEU B 27 -10.91 -27.55 4.73
C LEU B 27 -11.88 -27.17 3.62
N LYS B 28 -13.04 -26.66 4.01
CA LYS B 28 -14.11 -26.39 3.06
C LYS B 28 -13.93 -25.00 2.45
N SER B 29 -14.07 -24.93 1.13
CA SER B 29 -14.05 -23.66 0.42
C SER B 29 -14.99 -22.66 1.10
N ILE B 30 -14.59 -21.39 1.14
CA ILE B 30 -15.47 -20.34 1.64
C ILE B 30 -15.69 -19.32 0.53
N ASP B 31 -16.91 -18.80 0.44
CA ASP B 31 -17.27 -17.76 -0.51
C ASP B 31 -17.50 -16.48 0.27
N LEU B 32 -16.76 -15.43 -0.09
CA LEU B 32 -16.87 -14.14 0.57
C LEU B 32 -17.61 -13.18 -0.34
N ASN B 33 -18.56 -12.43 0.22
CA ASN B 33 -19.20 -11.35 -0.51
C ASN B 33 -18.44 -10.07 -0.21
N ILE B 34 -17.75 -9.54 -1.23
CA ILE B 34 -16.92 -8.35 -1.11
C ILE B 34 -17.53 -7.32 -2.03
N GLU B 35 -18.37 -6.45 -1.49
CA GLU B 35 -18.97 -5.39 -2.28
C GLU B 35 -19.66 -5.96 -3.51
N GLY B 36 -20.54 -6.93 -3.26
CA GLY B 36 -21.35 -7.53 -4.30
C GLY B 36 -20.67 -8.62 -5.12
N SER B 37 -19.34 -8.71 -5.07
CA SER B 37 -18.59 -9.66 -5.89
C SER B 37 -18.17 -10.85 -5.04
N LYS B 38 -18.25 -12.04 -5.62
CA LYS B 38 -17.85 -13.25 -4.91
C LYS B 38 -16.35 -13.44 -5.03
N VAL B 39 -15.68 -13.64 -3.89
CA VAL B 39 -14.29 -14.08 -3.83
C VAL B 39 -14.27 -15.43 -3.14
N THR B 40 -13.64 -16.42 -3.77
CA THR B 40 -13.53 -17.75 -3.19
C THR B 40 -12.14 -17.95 -2.61
N VAL B 41 -12.07 -18.53 -1.40
CA VAL B 41 -10.80 -18.95 -0.78
C VAL B 41 -10.91 -20.45 -0.57
N LYS B 42 -10.00 -21.21 -1.16
CA LYS B 42 -10.11 -22.67 -1.14
C LYS B 42 -8.74 -23.28 -0.94
N ALA B 43 -8.73 -24.52 -0.45
CA ALA B 43 -7.52 -25.33 -0.40
C ALA B 43 -7.40 -26.08 -1.71
N GLY B 44 -6.18 -26.18 -2.22
CA GLY B 44 -5.97 -26.92 -3.45
C GLY B 44 -4.58 -26.73 -3.99
N ASP B 45 -4.48 -26.83 -5.30
CA ASP B 45 -3.22 -26.82 -6.03
C ASP B 45 -3.44 -25.91 -7.22
N ILE B 46 -2.70 -24.79 -7.27
CA ILE B 46 -2.94 -23.79 -8.29
C ILE B 46 -2.86 -24.40 -9.69
N PHE B 47 -2.00 -25.38 -9.88
CA PHE B 47 -1.81 -25.95 -11.19
C PHE B 47 -2.98 -26.78 -11.66
N LEU B 48 -3.88 -27.19 -10.76
CA LEU B 48 -5.08 -27.91 -11.14
C LEU B 48 -6.25 -26.99 -11.43
N GLU B 49 -6.14 -25.69 -11.14
CA GLU B 49 -7.24 -24.80 -11.40
C GLU B 49 -7.50 -24.76 -12.89
N PRO B 50 -8.74 -24.86 -13.32
CA PRO B 50 -9.07 -24.49 -14.69
C PRO B 50 -9.07 -22.97 -14.80
N GLY B 51 -8.66 -22.52 -15.95
CA GLY B 51 -8.67 -21.12 -16.21
C GLY B 51 -7.37 -20.47 -15.82
N LEU B 52 -7.44 -19.14 -15.74
CA LEU B 52 -6.23 -18.36 -15.59
C LEU B 52 -5.63 -18.56 -14.21
N LYS B 53 -4.32 -18.77 -14.16
CA LYS B 53 -3.56 -19.04 -12.95
C LYS B 53 -2.44 -18.03 -12.84
N ALA B 54 -2.36 -17.32 -11.71
CA ALA B 54 -1.30 -16.36 -11.51
C ALA B 54 -0.09 -17.02 -10.87
N ILE B 55 1.10 -16.71 -11.40
CA ILE B 55 2.38 -17.17 -10.85
C ILE B 55 3.29 -15.98 -10.63
N ALA B 56 3.85 -15.87 -9.42
CA ALA B 56 4.76 -14.78 -9.10
C ALA B 56 6.16 -15.05 -9.66
N PHE B 57 6.56 -14.27 -10.64
CA PHE B 57 7.93 -14.16 -11.11
C PHE B 57 8.59 -12.96 -10.43
N ASN B 58 9.79 -12.61 -10.85
CA ASN B 58 10.45 -11.45 -10.24
C ASN B 58 10.52 -10.28 -11.21
N GLU B 59 11.22 -9.22 -10.79
CA GLU B 59 11.24 -7.97 -11.55
C GLU B 59 11.91 -8.10 -12.92
N TYR B 60 12.67 -9.17 -13.15
CA TYR B 60 13.30 -9.43 -14.43
C TYR B 60 12.56 -10.47 -15.27
N PHE B 61 11.48 -11.05 -14.76
CA PHE B 61 10.91 -12.28 -15.33
C PHE B 61 12.00 -13.33 -15.55
N ASP B 62 12.88 -13.49 -14.55
CA ASP B 62 13.90 -14.54 -14.61
C ASP B 62 13.29 -15.92 -14.80
N THR B 63 14.02 -16.77 -15.52
CA THR B 63 13.66 -18.16 -15.76
C THR B 63 14.74 -19.17 -15.43
N ILE B 64 15.94 -18.74 -15.08
CA ILE B 64 17.00 -19.69 -14.71
C ILE B 64 16.70 -20.23 -13.32
N VAL B 65 16.57 -21.55 -13.20
CA VAL B 65 16.30 -22.22 -11.93
C VAL B 65 17.58 -22.93 -11.49
N ASN B 66 18.19 -22.42 -10.43
CA ASN B 66 19.39 -23.00 -9.85
C ASN B 66 19.51 -22.45 -8.43
N ASP B 67 20.71 -22.54 -7.84
CA ASP B 67 20.90 -22.09 -6.47
C ASP B 67 21.20 -20.61 -6.38
N ARG B 68 21.33 -19.92 -7.50
CA ARG B 68 21.66 -18.50 -7.49
C ARG B 68 20.50 -17.61 -7.92
N ILE B 69 19.70 -18.03 -8.90
CA ILE B 69 18.64 -17.17 -9.42
C ILE B 69 17.31 -17.71 -8.88
N ILE B 70 16.46 -18.33 -9.72
CA ILE B 70 15.14 -18.76 -9.23
C ILE B 70 15.27 -20.08 -8.47
N SER B 71 14.64 -20.14 -7.29
CA SER B 71 14.62 -21.33 -6.47
C SER B 71 13.56 -22.32 -6.93
N ALA B 72 13.95 -23.60 -7.04
CA ALA B 72 12.92 -24.59 -7.31
C ALA B 72 11.89 -24.75 -6.21
N HIS B 73 12.13 -24.22 -5.01
CA HIS B 73 11.16 -24.26 -3.92
C HIS B 73 10.02 -23.26 -4.11
N SER B 74 10.15 -22.35 -5.05
CA SER B 74 9.14 -21.34 -5.29
C SER B 74 8.19 -21.82 -6.37
N LEU B 75 7.00 -21.23 -6.40
CA LEU B 75 6.07 -21.48 -7.50
C LEU B 75 6.65 -21.09 -8.85
N ASN B 76 7.44 -20.00 -8.92
CA ASN B 76 8.13 -19.61 -10.15
C ASN B 76 8.97 -20.77 -10.64
N GLY B 77 9.66 -21.41 -9.68
CA GLY B 77 10.52 -22.53 -10.04
C GLY B 77 9.77 -23.80 -10.37
N THR B 78 8.71 -24.08 -9.63
CA THR B 78 7.91 -25.28 -9.89
C THR B 78 7.20 -25.16 -11.23
N PHE B 79 6.73 -23.97 -11.55
CA PHE B 79 6.14 -23.77 -12.87
C PHE B 79 7.15 -24.08 -13.98
N ILE B 80 8.35 -23.54 -13.89
CA ILE B 80 9.35 -23.72 -14.92
C ILE B 80 9.77 -25.18 -15.00
N ASN B 81 9.96 -25.82 -13.84
CA ASN B 81 10.45 -27.20 -13.84
C ASN B 81 9.40 -28.20 -14.32
N LEU B 82 8.13 -28.01 -13.97
CA LEU B 82 7.14 -29.08 -14.05
C LEU B 82 5.86 -28.76 -14.80
N HIS B 83 5.62 -27.50 -15.19
CA HIS B 83 4.29 -27.14 -15.64
C HIS B 83 4.27 -26.20 -16.85
N LEU B 84 5.36 -26.06 -17.59
CA LEU B 84 5.37 -25.12 -18.70
C LEU B 84 4.46 -25.60 -19.83
N PRO B 85 3.90 -24.67 -20.60
CA PRO B 85 3.23 -25.05 -21.86
C PRO B 85 4.09 -25.90 -22.77
N SER B 86 5.38 -25.56 -22.91
CA SER B 86 6.32 -26.39 -23.66
C SER B 86 7.70 -26.35 -22.99
N THR B 87 8.71 -25.73 -23.64
CA THR B 87 10.08 -25.74 -23.15
C THR B 87 10.48 -24.41 -22.51
N ILE B 88 11.60 -24.45 -21.77
CA ILE B 88 12.18 -23.22 -21.23
C ILE B 88 12.57 -22.26 -22.36
N THR B 89 13.14 -22.79 -23.43
CA THR B 89 13.47 -21.96 -24.58
C THR B 89 12.26 -21.19 -25.08
N GLN B 90 11.12 -21.85 -25.17
CA GLN B 90 9.92 -21.17 -25.66
C GLN B 90 9.42 -20.16 -24.64
N LEU B 91 9.55 -20.46 -23.34
CA LEU B 91 9.19 -19.47 -22.33
C LEU B 91 10.07 -18.24 -22.45
N ASP B 92 11.38 -18.44 -22.56
CA ASP B 92 12.31 -17.33 -22.74
C ASP B 92 11.97 -16.51 -23.99
N ASN B 93 11.70 -17.18 -25.11
CA ASN B 93 11.37 -16.43 -26.32
C ASN B 93 10.07 -15.65 -26.16
N HIS B 94 9.09 -16.25 -25.47
CA HIS B 94 7.82 -15.58 -25.24
C HIS B 94 8.03 -14.29 -24.47
N ILE B 95 8.88 -14.32 -23.44
CA ILE B 95 9.14 -13.12 -22.65
C ILE B 95 9.92 -12.11 -23.47
N THR B 96 10.94 -12.59 -24.20
CA THR B 96 11.75 -11.70 -25.01
C THR B 96 10.91 -10.94 -26.02
N ASN B 97 9.98 -11.62 -26.68
CA ASN B 97 9.19 -11.05 -27.76
C ASN B 97 7.84 -10.52 -27.30
N TYR B 98 7.62 -10.44 -26.01
CA TYR B 98 6.30 -10.07 -25.52
C TYR B 98 6.04 -8.59 -25.71
N PRO B 99 4.85 -8.21 -26.15
CA PRO B 99 4.54 -6.78 -26.36
C PRO B 99 4.25 -6.01 -25.08
N PHE B 100 5.28 -5.83 -24.27
CA PHE B 100 5.17 -4.96 -23.11
C PHE B 100 4.93 -3.52 -23.57
N ASP B 101 4.04 -2.81 -22.88
CA ASP B 101 3.94 -1.37 -23.02
C ASP B 101 5.23 -0.72 -22.55
N SER B 102 5.60 0.38 -23.20
CA SER B 102 6.76 1.13 -22.76
C SER B 102 6.61 1.60 -21.31
N ASP B 103 5.36 1.80 -20.85
CA ASP B 103 5.11 2.23 -19.47
C ASP B 103 5.45 1.15 -18.45
N GLU B 104 5.63 -0.08 -18.88
CA GLU B 104 5.90 -1.19 -17.98
C GLU B 104 7.38 -1.45 -17.80
N LEU B 105 8.22 -0.90 -18.68
CA LEU B 105 9.65 -1.07 -18.55
C LEU B 105 10.17 -0.19 -17.45
N SER B 106 10.99 -0.77 -16.57
CA SER B 106 11.68 0.00 -15.56
C SER B 106 13.13 0.13 -16.04
N SER B 107 14.07 0.15 -15.12
CA SER B 107 15.46 0.36 -15.47
C SER B 107 16.07 -0.89 -16.10
N PHE B 108 17.24 -0.70 -16.70
CA PHE B 108 18.00 -1.77 -17.32
C PHE B 108 19.27 -1.99 -16.51
N ASN B 109 19.55 -3.25 -16.16
CA ASN B 109 20.64 -3.58 -15.25
C ASN B 109 21.77 -4.15 -16.11
N LYS B 110 22.56 -3.24 -16.68
CA LYS B 110 23.56 -3.65 -17.65
C LYS B 110 24.64 -4.55 -17.05
N SER B 111 25.00 -4.36 -15.78
CA SER B 111 26.11 -5.14 -15.23
C SER B 111 25.69 -6.46 -14.59
N ARG B 112 24.41 -6.84 -14.65
CA ARG B 112 23.98 -8.08 -14.02
C ARG B 112 24.71 -9.26 -14.68
N GLN B 113 25.41 -10.07 -13.87
CA GLN B 113 26.28 -11.10 -14.39
C GLN B 113 25.55 -12.39 -14.78
N GLU B 114 24.38 -12.65 -14.20
CA GLU B 114 23.60 -13.85 -14.49
C GLU B 114 22.13 -13.49 -14.37
N GLY B 115 21.33 -13.94 -15.33
CA GLY B 115 19.91 -13.62 -15.37
C GLY B 115 19.65 -12.54 -16.37
N LYS B 116 18.36 -12.23 -16.52
CA LYS B 116 17.94 -11.20 -17.46
C LYS B 116 18.23 -9.80 -16.89
N ARG B 117 18.25 -8.82 -17.78
CA ARG B 117 18.71 -7.48 -17.39
C ARG B 117 17.63 -6.42 -17.39
N GLN B 118 16.55 -6.60 -18.14
CA GLN B 118 15.48 -5.62 -18.16
C GLN B 118 14.59 -5.76 -16.93
N ARG B 119 14.53 -4.72 -16.10
CA ARG B 119 13.56 -4.68 -15.02
C ARG B 119 12.20 -4.19 -15.51
N PHE B 120 11.15 -4.71 -14.90
CA PHE B 120 9.78 -4.30 -15.18
C PHE B 120 9.13 -3.75 -13.91
N LYS B 121 8.18 -2.82 -14.10
CA LYS B 121 7.49 -2.24 -12.96
C LYS B 121 6.67 -3.28 -12.20
N ILE B 122 6.70 -3.18 -10.88
CA ILE B 122 6.02 -4.15 -10.02
C ILE B 122 4.56 -4.29 -10.41
N GLY B 123 4.11 -5.53 -10.54
CA GLY B 123 2.76 -5.82 -10.91
C GLY B 123 2.55 -6.06 -12.38
N THR B 124 3.57 -5.80 -13.21
CA THR B 124 3.45 -6.03 -14.65
C THR B 124 3.07 -7.48 -14.92
N LEU B 125 2.15 -7.68 -15.86
CA LEU B 125 1.71 -8.99 -16.29
C LEU B 125 2.41 -9.41 -17.59
N CYS B 126 2.59 -10.71 -17.72
CA CYS B 126 3.01 -11.33 -18.96
C CYS B 126 2.14 -12.56 -19.10
N ILE B 127 1.25 -12.56 -20.08
CA ILE B 127 0.28 -13.63 -20.24
C ILE B 127 0.88 -14.72 -21.11
N TYR B 128 0.75 -15.98 -20.70
CA TYR B 128 1.33 -17.12 -21.41
C TYR B 128 0.32 -18.25 -21.29
N ASP B 129 -0.48 -18.45 -22.33
CA ASP B 129 -1.53 -19.47 -22.34
C ASP B 129 -2.44 -19.22 -21.16
N ASP B 130 -2.65 -20.17 -20.25
CA ASP B 130 -3.57 -20.00 -19.14
C ASP B 130 -2.87 -19.50 -17.88
N PHE B 131 -1.67 -18.96 -18.03
CA PHE B 131 -0.86 -18.47 -16.91
C PHE B 131 -0.70 -16.97 -16.98
N ILE B 132 -0.97 -16.31 -15.88
CA ILE B 132 -0.67 -14.89 -15.68
C ILE B 132 0.65 -14.82 -14.91
N LEU B 133 1.74 -14.57 -15.61
CA LEU B 133 3.01 -14.36 -14.97
C LEU B 133 3.09 -12.88 -14.52
N THR B 134 3.57 -12.63 -13.32
CA THR B 134 3.59 -11.23 -12.89
C THR B 134 4.90 -10.93 -12.19
N ALA B 135 5.36 -9.68 -12.36
CA ALA B 135 6.62 -9.24 -11.74
C ALA B 135 6.29 -8.88 -10.28
N PHE B 136 6.66 -9.76 -9.36
CA PHE B 136 6.26 -9.64 -7.97
C PHE B 136 7.43 -9.11 -7.13
N SER B 137 8.41 -9.94 -6.82
CA SER B 137 9.47 -9.53 -5.93
C SER B 137 10.60 -8.84 -6.69
N LYS B 138 11.39 -8.09 -5.94
CA LYS B 138 12.65 -7.58 -6.44
C LYS B 138 13.74 -8.58 -6.11
N PHE B 139 14.82 -8.53 -6.88
CA PHE B 139 15.89 -9.51 -6.73
C PHE B 139 17.06 -8.90 -5.98
N ASP B 140 17.65 -9.70 -5.11
CA ASP B 140 18.89 -9.41 -4.41
C ASP B 140 19.71 -10.69 -4.37
N ALA B 141 21.02 -10.56 -4.53
CA ALA B 141 21.89 -11.73 -4.56
C ALA B 141 21.63 -12.65 -3.37
N GLN B 142 21.64 -12.10 -2.14
CA GLN B 142 21.64 -12.94 -0.95
C GLN B 142 20.24 -13.46 -0.62
N ASN B 143 19.26 -12.56 -0.56
CA ASN B 143 17.91 -12.96 -0.17
C ASN B 143 17.04 -13.35 -1.36
N LYS B 144 17.50 -13.10 -2.58
CA LYS B 144 16.85 -13.58 -3.80
C LYS B 144 15.51 -12.89 -4.07
N ALA B 145 14.70 -12.73 -3.03
CA ALA B 145 13.35 -12.19 -3.22
C ALA B 145 13.05 -11.26 -2.06
N VAL B 146 12.96 -9.97 -2.36
CA VAL B 146 12.71 -8.95 -1.36
C VAL B 146 11.67 -7.95 -1.85
N LEU B 147 10.90 -7.44 -0.88
CA LEU B 147 10.01 -6.31 -1.06
C LEU B 147 9.99 -5.55 0.25
N THR B 148 9.83 -4.21 0.20
CA THR B 148 9.33 -3.53 1.38
C THR B 148 7.80 -3.69 1.50
N MET B 149 7.25 -3.37 2.69
CA MET B 149 5.79 -3.46 2.83
C MET B 149 5.08 -2.49 1.88
N PRO B 150 5.51 -1.22 1.72
CA PRO B 150 4.86 -0.39 0.70
C PRO B 150 4.89 -0.99 -0.70
N GLU B 151 6.01 -1.61 -1.09
CA GLU B 151 6.11 -2.27 -2.38
C GLU B 151 5.18 -3.46 -2.50
N TYR B 152 4.96 -4.17 -1.40
CA TYR B 152 4.02 -5.30 -1.40
C TYR B 152 2.60 -4.80 -1.63
N LEU B 153 2.23 -3.68 -0.97
CA LEU B 153 0.90 -3.10 -1.19
C LEU B 153 0.78 -2.51 -2.58
N GLU B 154 1.85 -1.88 -3.08
CA GLU B 154 1.85 -1.37 -4.46
C GLU B 154 1.64 -2.49 -5.46
N PHE B 155 2.35 -3.62 -5.27
CA PHE B 155 2.16 -4.76 -6.15
C PHE B 155 0.68 -5.14 -6.22
N LEU B 156 0.05 -5.29 -5.05
CA LEU B 156 -1.28 -5.83 -4.96
C LEU B 156 -2.25 -4.89 -5.66
N ILE B 157 -2.15 -3.59 -5.37
CA ILE B 157 -3.08 -2.66 -6.00
C ILE B 157 -2.87 -2.67 -7.51
N ASN B 158 -1.60 -2.64 -7.96
CA ASN B 158 -1.32 -2.67 -9.39
C ASN B 158 -1.82 -3.96 -10.05
N PHE B 159 -1.55 -5.11 -9.42
CA PHE B 159 -2.00 -6.40 -9.94
C PHE B 159 -3.53 -6.46 -10.03
N TRP B 160 -4.23 -6.14 -8.93
CA TRP B 160 -5.68 -6.23 -8.91
C TRP B 160 -6.28 -5.27 -9.92
N ASP B 161 -5.70 -4.08 -10.04
CA ASP B 161 -6.24 -3.12 -11.03
C ASP B 161 -6.11 -3.67 -12.43
N LYS B 162 -4.98 -4.31 -12.76
CA LYS B 162 -4.80 -4.86 -14.11
C LYS B 162 -5.73 -6.05 -14.38
N ILE B 163 -5.86 -6.96 -13.41
CA ILE B 163 -6.73 -8.13 -13.55
C ILE B 163 -8.19 -7.72 -13.64
N ASN B 164 -8.58 -6.67 -12.90
CA ASN B 164 -9.97 -6.26 -12.93
C ASN B 164 -10.31 -5.55 -14.23
N LYS B 165 -9.32 -4.93 -14.87
CA LYS B 165 -9.52 -4.32 -16.18
C LYS B 165 -9.54 -5.37 -17.28
N VAL B 166 -8.47 -6.15 -17.39
CA VAL B 166 -8.29 -7.05 -18.51
C VAL B 166 -9.13 -8.31 -18.40
N TYR B 167 -9.41 -8.78 -17.19
CA TYR B 167 -10.09 -10.05 -16.95
C TYR B 167 -11.38 -9.85 -16.18
N ALA B 168 -12.03 -8.70 -16.41
CA ALA B 168 -13.36 -8.50 -15.85
C ALA B 168 -14.25 -9.69 -16.20
N GLN B 169 -15.01 -10.15 -15.20
CA GLN B 169 -15.97 -11.26 -15.30
C GLN B 169 -15.32 -12.59 -15.65
N GLN B 170 -14.01 -12.71 -15.53
CA GLN B 170 -13.33 -13.96 -15.83
C GLN B 170 -12.69 -14.49 -14.56
N SER B 171 -12.64 -15.83 -14.46
CA SER B 171 -12.02 -16.48 -13.32
C SER B 171 -10.52 -16.27 -13.31
N VAL B 172 -9.97 -15.84 -12.18
CA VAL B 172 -8.52 -15.75 -12.00
C VAL B 172 -8.20 -16.40 -10.68
N SER B 173 -7.29 -17.38 -10.69
CA SER B 173 -6.85 -18.00 -9.46
C SER B 173 -5.44 -17.56 -9.11
N THR B 174 -5.20 -17.28 -7.82
CA THR B 174 -3.90 -16.86 -7.34
C THR B 174 -3.53 -17.60 -6.07
N PRO B 175 -2.25 -17.80 -5.85
CA PRO B 175 -1.79 -18.25 -4.53
C PRO B 175 -1.75 -17.09 -3.56
N ILE B 176 -1.25 -17.32 -2.33
CA ILE B 176 -1.08 -16.22 -1.38
C ILE B 176 0.28 -15.55 -1.66
N PHE B 177 0.22 -14.39 -2.32
CA PHE B 177 1.42 -13.66 -2.70
C PHE B 177 2.26 -13.26 -1.47
N GLY B 178 3.54 -13.58 -1.53
CA GLY B 178 4.47 -13.16 -0.47
C GLY B 178 4.69 -14.15 0.64
N SER B 179 3.99 -15.30 0.62
CA SER B 179 4.05 -16.26 1.71
C SER B 179 5.07 -17.35 1.46
N GLY B 180 5.84 -17.22 0.38
CA GLY B 180 6.93 -18.14 0.13
C GLY B 180 8.22 -17.57 0.65
N ILE B 181 9.25 -17.61 -0.19
CA ILE B 181 10.58 -17.21 0.25
C ILE B 181 10.75 -15.69 0.26
N THR B 182 9.81 -14.93 -0.30
CA THR B 182 9.92 -13.47 -0.25
C THR B 182 10.15 -12.98 1.17
N ARG B 183 11.13 -12.10 1.32
CA ARG B 183 11.34 -11.37 2.57
C ARG B 183 10.74 -9.98 2.40
N ILE B 184 9.68 -9.71 3.13
CA ILE B 184 9.13 -8.37 3.20
C ILE B 184 9.84 -7.65 4.33
N LYS B 185 10.59 -6.59 3.97
CA LYS B 185 11.46 -5.90 4.91
C LYS B 185 10.70 -5.46 6.15
N GLU B 186 11.25 -5.78 7.32
CA GLU B 186 10.72 -5.52 8.66
C GLU B 186 9.52 -6.39 9.01
N HIS B 187 9.13 -7.33 8.15
CA HIS B 187 7.99 -8.22 8.39
C HIS B 187 8.35 -9.66 8.03
N LYS B 188 9.52 -10.10 8.50
CA LYS B 188 10.05 -11.37 8.04
C LYS B 188 9.16 -12.55 8.42
N ASN B 189 8.43 -12.46 9.53
CA ASN B 189 7.58 -13.56 9.98
C ASN B 189 6.09 -13.25 9.88
N ILE B 190 5.72 -12.28 9.04
CA ILE B 190 4.30 -12.05 8.79
C ILE B 190 3.63 -13.37 8.46
N THR B 191 2.43 -13.58 8.99
CA THR B 191 1.80 -14.87 8.81
C THR B 191 1.10 -14.98 7.46
N ASP B 192 0.91 -16.21 7.02
CA ASP B 192 0.09 -16.44 5.82
C ASP B 192 -1.30 -15.84 5.96
N GLU B 193 -1.93 -16.00 7.13
CA GLU B 193 -3.24 -15.42 7.35
C GLU B 193 -3.20 -13.91 7.19
N ASP B 194 -2.19 -13.25 7.74
CA ASP B 194 -2.14 -11.78 7.60
C ASP B 194 -1.92 -11.36 6.16
N LEU B 195 -1.11 -12.10 5.40
CA LEU B 195 -0.97 -11.79 3.99
C LEU B 195 -2.27 -12.02 3.23
N LEU B 196 -3.02 -13.09 3.55
CA LEU B 196 -4.32 -13.29 2.92
C LEU B 196 -5.28 -12.14 3.22
N LYS B 197 -5.27 -11.65 4.46
CA LYS B 197 -6.14 -10.51 4.78
C LYS B 197 -5.76 -9.26 3.97
N ILE B 198 -4.46 -9.01 3.81
CA ILE B 198 -4.01 -7.88 3.01
C ILE B 198 -4.43 -8.04 1.56
N MET B 199 -4.29 -9.26 1.00
CA MET B 199 -4.80 -9.54 -0.34
C MET B 199 -6.29 -9.18 -0.46
N LEU B 200 -7.09 -9.56 0.54
CA LEU B 200 -8.53 -9.34 0.48
C LEU B 200 -8.88 -7.86 0.56
N TRP B 201 -8.30 -7.13 1.49
CA TRP B 201 -8.75 -5.72 1.52
C TRP B 201 -8.14 -4.88 0.40
N THR B 202 -6.97 -5.25 -0.14
CA THR B 202 -6.48 -4.53 -1.31
C THR B 202 -7.33 -4.88 -2.52
N PHE B 203 -7.81 -6.12 -2.62
CA PHE B 203 -8.70 -6.43 -3.74
C PHE B 203 -9.99 -5.64 -3.61
N ARG B 204 -10.52 -5.51 -2.39
CA ARG B 204 -11.74 -4.73 -2.16
C ARG B 204 -11.55 -3.30 -2.62
N ILE B 205 -10.41 -2.68 -2.26
CA ILE B 205 -10.12 -1.31 -2.71
C ILE B 205 -10.10 -1.23 -4.22
N SER B 206 -9.49 -2.20 -4.89
CA SER B 206 -9.38 -2.14 -6.33
C SER B 206 -10.73 -2.36 -6.98
N GLU B 207 -11.45 -3.40 -6.53
CA GLU B 207 -12.66 -3.82 -7.22
C GLU B 207 -13.77 -2.80 -7.03
N MET B 208 -13.65 -1.91 -6.03
CA MET B 208 -14.75 -1.01 -5.74
C MET B 208 -14.94 0.01 -6.85
N ARG B 209 -13.94 0.24 -7.70
CA ARG B 209 -14.05 1.18 -8.81
C ARG B 209 -14.41 0.53 -10.14
N PHE B 210 -14.59 -0.78 -10.19
CA PHE B 210 -14.95 -1.49 -11.41
C PHE B 210 -16.38 -1.99 -11.29
N LYS B 211 -17.18 -1.85 -12.34
CA LYS B 211 -18.52 -2.39 -12.21
C LYS B 211 -18.51 -3.92 -12.21
N TYR B 212 -17.67 -4.53 -13.04
CA TYR B 212 -17.54 -5.98 -13.17
C TYR B 212 -16.11 -6.41 -12.93
N PRO B 213 -15.75 -6.72 -11.69
CA PRO B 213 -14.36 -7.15 -11.40
C PRO B 213 -14.07 -8.54 -11.97
N ALA B 214 -12.80 -8.94 -11.87
CA ALA B 214 -12.44 -10.34 -12.08
C ALA B 214 -13.15 -11.19 -11.03
N LYS B 215 -13.28 -12.49 -11.32
CA LYS B 215 -13.82 -13.47 -10.39
C LYS B 215 -12.63 -14.17 -9.74
N LEU B 216 -12.26 -13.71 -8.55
CA LEU B 216 -11.03 -14.11 -7.87
C LEU B 216 -11.24 -15.35 -7.03
N THR B 217 -10.33 -16.32 -7.17
CA THR B 217 -10.17 -17.43 -6.25
C THR B 217 -8.74 -17.40 -5.71
N ILE B 218 -8.60 -17.42 -4.41
CA ILE B 218 -7.29 -17.55 -3.75
C ILE B 218 -7.13 -18.99 -3.31
N VAL B 219 -6.02 -19.62 -3.69
CA VAL B 219 -5.80 -21.04 -3.49
C VAL B 219 -4.74 -21.18 -2.41
N ILE B 220 -5.11 -21.81 -1.30
CA ILE B 220 -4.20 -22.13 -0.19
C ILE B 220 -3.65 -23.51 -0.44
N HIS B 221 -2.32 -23.66 -0.36
CA HIS B 221 -1.77 -24.98 -0.65
C HIS B 221 -2.25 -25.99 0.39
N LYS B 222 -2.65 -27.18 -0.09
CA LYS B 222 -3.24 -28.16 0.82
C LYS B 222 -2.29 -28.48 1.97
N ASP B 223 -0.99 -28.40 1.75
CA ASP B 223 0.00 -28.69 2.79
C ASP B 223 -0.01 -27.65 3.89
N LYS B 224 -0.60 -26.48 3.67
CA LYS B 224 -0.58 -25.37 4.61
C LYS B 224 -1.96 -25.03 5.16
N ILE B 225 -2.93 -25.95 5.03
CA ILE B 225 -4.31 -25.57 5.33
C ILE B 225 -4.53 -25.43 6.82
N ASN B 226 -3.92 -26.33 7.62
CA ASN B 226 -4.08 -26.27 9.07
C ASN B 226 -3.17 -25.24 9.72
N THR B 227 -2.27 -24.62 8.97
CA THR B 227 -1.53 -23.49 9.49
C THR B 227 -2.33 -22.21 9.42
N ILE B 228 -3.30 -22.13 8.50
CA ILE B 228 -4.08 -20.92 8.30
C ILE B 228 -5.41 -21.06 9.03
N ASN B 229 -5.62 -20.21 10.04
CA ASN B 229 -6.93 -20.08 10.68
C ASN B 229 -7.79 -19.19 9.81
N LEU B 230 -8.81 -19.76 9.17
CA LEU B 230 -9.69 -19.02 8.29
C LEU B 230 -10.90 -18.44 8.99
N LEU B 231 -10.95 -18.55 10.30
CA LEU B 231 -12.15 -18.13 11.01
C LEU B 231 -12.31 -16.62 10.95
N ASP B 232 -11.21 -15.87 11.08
CA ASP B 232 -11.29 -14.42 10.92
C ASP B 232 -11.85 -14.06 9.56
N ILE B 233 -11.30 -14.69 8.51
CA ILE B 233 -11.73 -14.42 7.14
C ILE B 233 -13.22 -14.74 6.97
N LYS B 234 -13.62 -15.94 7.44
CA LYS B 234 -14.95 -16.46 7.16
C LYS B 234 -16.05 -15.60 7.77
N THR B 235 -15.81 -15.04 8.94
CA THR B 235 -16.84 -14.32 9.71
C THR B 235 -17.05 -12.86 9.33
C11 YG8 C . -11.49 17.22 6.68
C10 YG8 C . -11.21 16.94 8.14
C3 YG8 C . -10.59 19.50 12.20
C4 YG8 C . -10.79 19.32 10.82
C8 YG8 C . -11.06 19.42 8.72
C5 YG8 C . -10.90 18.00 10.38
C1 YG8 C . -10.67 17.19 12.41
C12 YG8 C . -11.07 15.89 6.07
C13 YG8 C . -9.85 15.50 6.93
C15 YG8 C . -8.52 15.79 6.28
C25 YG8 C . -5.02 17.70 1.98
C26 YG8 C . -3.73 17.71 1.20
C27 YG8 C . -2.50 18.02 2.05
C28 YG8 C . -2.24 19.49 1.74
C29 YG8 C . -2.66 19.55 0.28
C32 YG8 C . -3.73 21.83 0.43
C34 YG8 C . -3.37 22.54 -1.54
C35 YG8 C . -2.80 21.32 -1.49
N2 YG8 C . -10.54 18.40 12.98
N31 YG8 C . -3.04 20.86 -0.21
N33 YG8 C . -3.95 22.87 -0.35
N40 YG8 C . -10.42 20.69 12.77
N6 YG8 C . -10.87 16.90 11.13
N7 YG8 C . -11.09 18.09 9.02
N9 YG8 C . -10.89 20.19 9.77
O14 YG8 C . -9.98 16.25 8.17
O16 YG8 C . -8.43 17.17 5.86
O18 YG8 C . -7.65 19.10 4.61
O19 YG8 C . -5.96 17.60 5.76
O20 YG8 C . -7.29 16.81 3.74
O22 YG8 C . -7.01 15.28 1.90
O23 YG8 C . -5.95 14.68 4.14
O24 YG8 C . -5.02 16.52 2.78
O30 YG8 C . -3.78 18.72 0.16
O36 YG8 C . -0.88 19.83 1.87
O37 YG8 C . -1.40 17.21 1.62
O38 YG8 C . -12.07 14.89 6.20
O39 YG8 C . -12.86 17.53 6.48
P17 YG8 C . -7.24 17.75 5.03
P21 YG8 C . -6.30 15.70 3.13
H11 YG8 C . -10.95 17.97 6.32
H10 YG8 C . -11.93 16.38 8.52
H8 YG8 C . -11.16 19.73 7.80
H1 YG8 C . -10.62 16.43 13.02
H12 YG8 C . -10.89 16.02 5.12
H13 YG8 C . -9.89 14.57 7.20
H15A YG8 C . -8.38 15.20 5.51
H15B YG8 C . -7.78 15.59 6.88
H25B YG8 C . -5.11 18.49 2.55
H25A YG8 C . -5.81 17.71 1.40
H26 YG8 C . -3.60 16.87 0.71
H27 YG8 C . -2.62 17.88 3.01
H28 YG8 C . -2.79 20.06 2.32
H29 YG8 C . -1.95 19.23 -0.31
H32 YG8 C . -4.02 21.73 1.36
H34 YG8 C . -3.40 23.16 -2.31
H35 YG8 C . -2.31 20.79 -2.15
H40B YG8 C . -10.31 20.73 13.65
H40A YG8 C . -10.44 21.41 12.25
H36 YG8 C . -0.74 20.33 1.18
H37 YG8 C . -0.93 17.18 2.32
H38 YG8 C . -11.93 14.43 5.50
H39 YG8 C . -13.13 17.76 7.26
C11 YG8 D . 3.43 -21.45 -1.08
C10 YG8 D . 2.12 -21.75 -1.80
C3 YG8 D . 0.51 -24.81 -5.17
C4 YG8 D . 1.48 -24.22 -4.32
C8 YG8 D . 3.14 -23.64 -3.15
C5 YG8 D . 1.02 -23.20 -3.51
C1 YG8 D . -1.03 -23.35 -4.26
C12 YG8 D . 3.14 -20.02 -0.62
C13 YG8 D . 2.37 -19.42 -1.80
C15 YG8 D . 3.20 -18.57 -2.74
C25 YG8 D . 8.21 -15.93 -4.39
C26 YG8 D . 9.01 -14.84 -5.08
C27 YG8 D . 8.64 -14.65 -6.55
C28 YG8 D . 9.78 -15.36 -7.28
C29 YG8 D . 10.94 -15.07 -6.34
C32 YG8 D . 12.02 -17.33 -6.51
C34 YG8 D . 14.07 -16.79 -6.35
C35 YG8 D . 13.37 -15.63 -6.31
N2 YG8 D . -0.76 -24.34 -5.11
N31 YG8 D . 12.05 -15.99 -6.41
N33 YG8 D . 13.23 -17.86 -6.48
N40 YG8 D . 0.81 -25.78 -6.04
N6 YG8 D . -0.21 -22.72 -3.41
N7 YG8 D . 2.11 -22.83 -2.75
N9 YG8 D . 2.81 -24.50 -4.10
O14 YG8 D . 1.81 -20.56 -2.49
O16 YG8 D . 4.44 -19.26 -3.14
O18 YG8 D . 6.66 -19.63 -4.08
O19 YG8 D . 4.98 -18.04 -5.25
O20 YG8 D . 6.06 -17.43 -3.02
O22 YG8 D . 6.62 -15.45 -1.78
O23 YG8 D . 4.57 -15.38 -3.33
O24 YG8 D . 6.86 -15.47 -4.26
O30 YG8 D . 10.42 -15.15 -5.04
O36 YG8 D . 9.98 -14.83 -8.58
O37 YG8 D . 8.59 -13.25 -6.88
O38 YG8 D . 2.32 -20.06 0.55
O39 YG8 D . 3.60 -22.40 -0.04
P17 YG8 D . 5.57 -18.60 -4.00
P21 YG8 D . 5.95 -15.82 -3.04
H11 YG8 D . 4.23 -21.46 -1.64
H10 YG8 D . 1.42 -21.95 -1.14
H8 YG8 D . 4.04 -23.57 -2.76
H1 YG8 D . -1.97 -23.04 -4.26
H12 YG8 D . 3.96 -19.55 -0.40
H13 YG8 D . 1.61 -18.90 -1.50
H15A YG8 D . 3.44 -17.71 -2.31
H15B YG8 D . 2.69 -18.32 -3.53
H25B YG8 D . 8.23 -16.77 -4.89
H25A YG8 D . 8.57 -16.15 -3.50
H26 YG8 D . 8.94 -14.00 -4.59
H27 YG8 D . 7.77 -15.03 -6.80
H28 YG8 D . 9.63 -16.33 -7.36
H29 YG8 D . 11.30 -14.17 -6.50
H32 YG8 D . 11.18 -17.84 -6.59
H34 YG8 D . 15.04 -16.91 -6.31
H35 YG8 D . 13.65 -14.70 -6.23
H40B YG8 D . 0.15 -26.10 -6.54
H40A YG8 D . 1.64 -26.06 -6.07
H36 YG8 D . 10.82 -14.75 -8.62
H37 YG8 D . 8.09 -13.26 -7.56
H38 YG8 D . 2.70 -19.49 1.03
H39 YG8 D . 3.11 -23.05 -0.29
#